data_5U3B
#
_entry.id   5U3B
#
_cell.length_a   35.826
_cell.length_b   98.432
_cell.length_c   165.187
_cell.angle_alpha   90.000
_cell.angle_beta   90.000
_cell.angle_gamma   90.000
#
_symmetry.space_group_name_H-M   'P 21 21 21'
#
loop_
_entity.id
_entity.type
_entity.pdbx_description
1 polymer 'UDP-3-O-acyl-N-acetylglucosamine deacetylase'
2 non-polymer 'ZINC ION'
3 non-polymer N-[(2S)-3-amino-1-(hydroxyamino)-3-methyl-1-oxobutan-2-yl]-4-[(but-2-yn-1-yl)oxy]benzamide
4 non-polymer '4-(2-HYDROXYETHYL)-1-PIPERAZINE ETHANESULFONIC ACID'
5 water water
#
_entity_poly.entity_id   1
_entity_poly.type   'polypeptide(L)'
_entity_poly.pdbx_seq_one_letter_code
;MIKQRTLKNIIRATGVGLHSGEKVYLTLKPAPVDTGIVFCRTDLDPVVEIPARAENVGETTMSTTLVKGDVKVDTVEHLL
SAMAGLGIDNAYVELSASEVPIMDGSAGPFVFLIQSAGLQEQEAAKKFIRIKREVSVEEGDKRAVFVPFDGFKVSFEIDF
DHPVFRGRTQQASVDFSSTSFVKEVSRARTFGFMRDIEYLRSQNLALGGSVENAIVVDENRVLNEDGLRYEDEFVKHKIL
DAIGDLYLLGNSLIGEFRGFKSGHALNNQLLRTLIADKDAWEVVTFEDARTAPISYMRP
;
_entity_poly.pdbx_strand_id   A,B
#
loop_
_chem_comp.id
_chem_comp.type
_chem_comp.name
_chem_comp.formula
7TD non-polymer N-[(2S)-3-amino-1-(hydroxyamino)-3-methyl-1-oxobutan-2-yl]-4-[(but-2-yn-1-yl)oxy]benzamide 'C16 H21 N3 O4'
EPE non-polymer '4-(2-HYDROXYETHYL)-1-PIPERAZINE ETHANESULFONIC ACID' 'C8 H18 N2 O4 S'
ZN non-polymer 'ZINC ION' 'Zn 2'
#
# COMPACT_ATOMS: atom_id res chain seq x y z
N MET A 1 35.87 1.18 -0.93
CA MET A 1 34.99 1.30 -2.10
C MET A 1 33.87 0.24 -2.13
N ILE A 2 32.74 0.55 -2.83
CA ILE A 2 31.70 -0.44 -3.07
C ILE A 2 32.23 -1.17 -4.29
N LYS A 3 32.52 -2.46 -4.13
CA LYS A 3 33.17 -3.28 -5.16
C LYS A 3 32.20 -3.96 -6.11
N GLN A 4 32.72 -4.33 -7.27
CA GLN A 4 31.97 -5.13 -8.24
C GLN A 4 31.90 -6.55 -7.69
N ARG A 5 30.87 -7.30 -8.09
CA ARG A 5 30.70 -8.68 -7.64
C ARG A 5 30.44 -9.66 -8.77
N THR A 6 30.92 -10.89 -8.58
CA THR A 6 30.65 -12.03 -9.46
C THR A 6 30.31 -13.21 -8.55
N LEU A 7 30.21 -14.40 -9.14
CA LEU A 7 29.96 -15.63 -8.41
C LEU A 7 31.26 -16.22 -7.95
N LYS A 8 31.24 -16.89 -6.81
CA LYS A 8 32.41 -17.56 -6.26
C LYS A 8 32.64 -18.87 -7.01
N ASN A 9 31.54 -19.53 -7.43
CA ASN A 9 31.62 -20.81 -8.14
C ASN A 9 30.54 -20.91 -9.19
N ILE A 10 30.74 -21.82 -10.14
CA ILE A 10 29.79 -22.15 -11.20
C ILE A 10 28.56 -22.81 -10.53
N ILE A 11 27.36 -22.41 -10.95
CA ILE A 11 26.13 -23.05 -10.46
C ILE A 11 25.24 -23.44 -11.61
N ARG A 12 24.51 -24.54 -11.41
CA ARG A 12 23.68 -25.14 -12.43
C ARG A 12 22.25 -25.35 -12.00
N ALA A 13 21.34 -25.17 -12.95
CA ALA A 13 19.92 -25.35 -12.72
C ALA A 13 19.26 -25.93 -13.97
N THR A 14 18.21 -26.72 -13.78
CA THR A 14 17.42 -27.29 -14.86
C THR A 14 15.99 -26.82 -14.69
N GLY A 15 15.32 -26.61 -15.80
CA GLY A 15 13.93 -26.19 -15.79
C GLY A 15 13.33 -26.23 -17.18
N VAL A 16 12.24 -25.51 -17.35
CA VAL A 16 11.49 -25.43 -18.62
C VAL A 16 11.21 -23.98 -18.92
N GLY A 17 11.11 -23.65 -20.19
CA GLY A 17 10.74 -22.30 -20.58
C GLY A 17 9.26 -22.12 -20.35
N LEU A 18 8.84 -21.02 -19.73
CA LEU A 18 7.41 -20.74 -19.49
C LEU A 18 6.61 -20.71 -20.83
N HIS A 19 7.19 -20.08 -21.86
CA HIS A 19 6.50 -19.90 -23.12
C HIS A 19 6.74 -21.01 -24.11
N SER A 20 7.98 -21.50 -24.21
CA SER A 20 8.30 -22.57 -25.15
C SER A 20 7.94 -23.97 -24.64
N GLY A 21 7.94 -24.16 -23.32
CA GLY A 21 7.67 -25.45 -22.69
C GLY A 21 8.86 -26.41 -22.84
N GLU A 22 10.01 -25.89 -23.29
CA GLU A 22 11.19 -26.68 -23.62
C GLU A 22 12.09 -26.86 -22.42
N LYS A 23 12.59 -28.07 -22.24
CA LYS A 23 13.57 -28.34 -21.17
C LYS A 23 14.86 -27.52 -21.46
N VAL A 24 15.47 -26.95 -20.41
CA VAL A 24 16.68 -26.12 -20.56
C VAL A 24 17.63 -26.26 -19.36
N TYR A 25 18.95 -26.25 -19.64
CA TYR A 25 20.01 -26.23 -18.65
C TYR A 25 20.53 -24.80 -18.56
N LEU A 26 20.66 -24.30 -17.33
CA LEU A 26 21.15 -22.95 -17.05
C LEU A 26 22.43 -23.07 -16.24
N THR A 27 23.48 -22.38 -16.66
CA THR A 27 24.75 -22.40 -15.94
C THR A 27 25.17 -20.97 -15.72
N LEU A 28 25.47 -20.61 -14.47
CA LEU A 28 25.95 -19.28 -14.14
C LEU A 28 27.42 -19.40 -13.80
N LYS A 29 28.26 -18.69 -14.54
CA LYS A 29 29.70 -18.78 -14.36
C LYS A 29 30.33 -17.46 -13.89
N PRO A 30 31.31 -17.55 -12.94
CA PRO A 30 32.05 -16.35 -12.54
C PRO A 30 32.65 -15.63 -13.77
N ALA A 31 32.64 -14.30 -13.75
CA ALA A 31 33.18 -13.50 -14.85
C ALA A 31 34.06 -12.36 -14.30
N PRO A 32 35.09 -11.94 -15.07
CA PRO A 32 36.00 -10.90 -14.58
C PRO A 32 35.37 -9.50 -14.55
N VAL A 33 36.11 -8.55 -13.98
CA VAL A 33 35.72 -7.15 -13.85
C VAL A 33 35.24 -6.53 -15.19
N ASP A 34 34.18 -5.69 -15.14
CA ASP A 34 33.64 -4.95 -16.30
C ASP A 34 33.13 -5.85 -17.44
N THR A 35 32.78 -7.12 -17.16
CA THR A 35 32.21 -8.00 -18.17
C THR A 35 30.72 -7.67 -18.36
N GLY A 36 30.02 -7.48 -17.25
CA GLY A 36 28.58 -7.32 -17.28
C GLY A 36 27.96 -8.69 -17.27
N ILE A 37 26.67 -8.78 -17.63
CA ILE A 37 25.94 -10.06 -17.71
C ILE A 37 25.90 -10.41 -19.19
N VAL A 38 26.36 -11.62 -19.54
CA VAL A 38 26.42 -12.07 -20.94
C VAL A 38 25.79 -13.46 -21.06
N PHE A 39 24.84 -13.59 -21.96
CA PHE A 39 24.16 -14.86 -22.25
C PHE A 39 24.96 -15.57 -23.30
N CYS A 40 25.00 -16.90 -23.20
CA CYS A 40 25.79 -17.76 -24.07
C CYS A 40 24.91 -18.96 -24.48
N ARG A 41 24.49 -19.03 -25.76
CA ARG A 41 23.64 -20.14 -26.23
C ARG A 41 24.54 -21.30 -26.67
N THR A 42 24.71 -22.29 -25.79
CA THR A 42 25.58 -23.45 -26.00
C THR A 42 24.98 -24.55 -26.89
N ASP A 43 23.69 -24.46 -27.23
CA ASP A 43 23.05 -25.45 -28.11
C ASP A 43 23.27 -25.08 -29.58
N LEU A 44 23.80 -23.88 -29.83
CA LEU A 44 24.05 -23.42 -31.18
C LEU A 44 25.48 -23.72 -31.62
N ASP A 45 25.67 -23.90 -32.94
CA ASP A 45 26.95 -24.23 -33.57
C ASP A 45 27.21 -23.29 -34.77
N PRO A 46 28.02 -22.22 -34.61
CA PRO A 46 28.77 -21.83 -33.41
C PRO A 46 27.91 -21.29 -32.25
N VAL A 47 28.50 -21.31 -31.06
CA VAL A 47 27.89 -20.76 -29.85
C VAL A 47 27.71 -19.23 -30.03
N VAL A 48 26.60 -18.67 -29.54
CA VAL A 48 26.31 -17.24 -29.69
C VAL A 48 26.25 -16.57 -28.34
N GLU A 49 26.96 -15.44 -28.20
CA GLU A 49 26.95 -14.63 -26.98
C GLU A 49 26.09 -13.39 -27.20
N ILE A 50 25.23 -13.09 -26.22
CA ILE A 50 24.35 -11.92 -26.27
C ILE A 50 24.52 -11.18 -24.95
N PRO A 51 25.22 -10.02 -24.97
CA PRO A 51 25.32 -9.21 -23.76
C PRO A 51 23.93 -8.78 -23.31
N ALA A 52 23.67 -8.79 -22.00
CA ALA A 52 22.36 -8.41 -21.46
C ALA A 52 22.32 -6.89 -21.36
N ARG A 53 22.05 -6.23 -22.50
CA ARG A 53 22.04 -4.77 -22.57
C ARG A 53 20.80 -4.30 -23.28
N ALA A 54 20.29 -3.09 -22.92
CA ALA A 54 19.06 -2.51 -23.49
C ALA A 54 19.04 -2.53 -25.04
N GLU A 55 20.19 -2.27 -25.68
CA GLU A 55 20.34 -2.27 -27.15
C GLU A 55 20.09 -3.66 -27.79
N ASN A 56 20.20 -4.75 -26.98
CA ASN A 56 19.96 -6.10 -27.49
C ASN A 56 18.54 -6.60 -27.26
N VAL A 57 17.65 -5.77 -26.70
CA VAL A 57 16.27 -6.17 -26.48
C VAL A 57 15.52 -6.13 -27.83
N GLY A 58 15.08 -7.30 -28.28
CA GLY A 58 14.37 -7.46 -29.55
C GLY A 58 12.86 -7.52 -29.42
N GLU A 59 12.37 -8.43 -28.57
CA GLU A 59 10.94 -8.61 -28.37
C GLU A 59 10.54 -8.31 -26.92
N THR A 60 9.33 -7.73 -26.77
CA THR A 60 8.79 -7.36 -25.46
C THR A 60 7.31 -7.75 -25.30
N THR A 61 6.80 -8.60 -26.21
CA THR A 61 5.39 -9.08 -26.26
C THR A 61 4.88 -9.67 -24.93
N MET A 62 5.45 -10.82 -24.46
CA MET A 62 5.05 -11.46 -23.19
C MET A 62 6.16 -11.34 -22.17
N SER A 63 7.42 -11.41 -22.63
CA SER A 63 8.59 -11.34 -21.77
C SER A 63 9.67 -10.48 -22.43
N THR A 64 10.75 -10.20 -21.72
CA THR A 64 11.87 -9.45 -22.30
C THR A 64 12.73 -10.47 -23.01
N THR A 65 12.97 -10.23 -24.29
CA THR A 65 13.77 -11.13 -25.13
C THR A 65 15.00 -10.41 -25.63
N LEU A 66 16.17 -11.08 -25.55
CA LEU A 66 17.41 -10.53 -26.10
C LEU A 66 17.56 -11.13 -27.51
N VAL A 67 18.09 -10.34 -28.46
CA VAL A 67 18.22 -10.75 -29.85
C VAL A 67 19.60 -10.39 -30.38
N LYS A 68 20.14 -11.25 -31.24
CA LYS A 68 21.39 -11.03 -31.95
C LYS A 68 21.24 -11.76 -33.25
N GLY A 69 20.91 -11.04 -34.31
CA GLY A 69 20.63 -11.62 -35.63
C GLY A 69 19.36 -12.46 -35.54
N ASP A 70 19.41 -13.72 -35.99
CA ASP A 70 18.25 -14.63 -35.92
C ASP A 70 18.27 -15.51 -34.63
N VAL A 71 19.08 -15.10 -33.63
CA VAL A 71 19.22 -15.83 -32.35
C VAL A 71 18.55 -15.05 -31.23
N LYS A 72 17.82 -15.75 -30.34
CA LYS A 72 17.16 -15.08 -29.23
C LYS A 72 17.36 -15.78 -27.88
N VAL A 73 17.16 -15.02 -26.79
CA VAL A 73 17.14 -15.49 -25.43
C VAL A 73 15.87 -14.86 -24.81
N ASP A 74 14.84 -15.68 -24.58
CA ASP A 74 13.54 -15.24 -24.06
C ASP A 74 13.51 -15.29 -22.55
N THR A 75 12.66 -14.43 -21.95
CA THR A 75 12.33 -14.38 -20.51
C THR A 75 13.56 -14.26 -19.63
N VAL A 76 14.32 -13.17 -19.83
CA VAL A 76 15.55 -12.92 -19.07
C VAL A 76 15.26 -12.16 -17.75
N GLU A 77 14.06 -11.52 -17.63
CA GLU A 77 13.70 -10.61 -16.55
C GLU A 77 13.80 -11.17 -15.14
N HIS A 78 13.34 -12.42 -14.86
CA HIS A 78 13.40 -12.93 -13.48
C HIS A 78 14.83 -13.26 -13.03
N LEU A 79 15.66 -13.84 -13.91
CA LEU A 79 17.06 -14.09 -13.57
C LEU A 79 17.81 -12.76 -13.37
N LEU A 80 17.56 -11.77 -14.27
CA LEU A 80 18.21 -10.46 -14.15
C LEU A 80 17.76 -9.71 -12.90
N SER A 81 16.50 -9.93 -12.46
CA SER A 81 15.99 -9.28 -11.23
C SER A 81 16.74 -9.81 -10.01
N ALA A 82 17.04 -11.13 -10.00
CA ALA A 82 17.79 -11.80 -8.92
C ALA A 82 19.23 -11.27 -8.89
N MET A 83 19.86 -11.14 -10.06
CA MET A 83 21.23 -10.63 -10.17
C MET A 83 21.33 -9.17 -9.72
N ALA A 84 20.32 -8.35 -10.08
CA ALA A 84 20.24 -6.94 -9.66
C ALA A 84 20.02 -6.85 -8.14
N GLY A 85 19.13 -7.68 -7.59
CA GLY A 85 18.84 -7.70 -6.16
C GLY A 85 20.04 -8.03 -5.29
N LEU A 86 20.87 -8.94 -5.78
CA LEU A 86 22.06 -9.39 -5.08
C LEU A 86 23.31 -8.59 -5.39
N GLY A 87 23.22 -7.69 -6.35
CA GLY A 87 24.35 -6.84 -6.75
C GLY A 87 25.42 -7.56 -7.56
N ILE A 88 25.00 -8.49 -8.42
CA ILE A 88 25.93 -9.22 -9.27
C ILE A 88 26.23 -8.39 -10.50
N ASP A 89 27.48 -7.95 -10.65
CA ASP A 89 27.83 -7.15 -11.82
C ASP A 89 28.27 -7.99 -13.01
N ASN A 90 29.04 -9.03 -12.75
CA ASN A 90 29.66 -9.83 -13.81
C ASN A 90 29.29 -11.28 -13.74
N ALA A 91 28.82 -11.85 -14.85
CA ALA A 91 28.49 -13.28 -14.91
C ALA A 91 28.26 -13.71 -16.33
N TYR A 92 28.62 -14.97 -16.62
CA TYR A 92 28.31 -15.60 -17.91
C TYR A 92 27.08 -16.45 -17.60
N VAL A 93 26.09 -16.39 -18.50
CA VAL A 93 24.85 -17.16 -18.34
C VAL A 93 24.75 -18.09 -19.52
N GLU A 94 25.07 -19.36 -19.29
CA GLU A 94 25.01 -20.35 -20.34
C GLU A 94 23.64 -21.05 -20.35
N LEU A 95 23.03 -21.15 -21.53
CA LEU A 95 21.72 -21.78 -21.72
C LEU A 95 21.77 -22.76 -22.86
N SER A 96 21.10 -23.92 -22.69
CA SER A 96 21.04 -24.96 -23.71
C SER A 96 19.78 -24.79 -24.61
N ALA A 97 19.02 -23.68 -24.43
CA ALA A 97 17.80 -23.44 -25.21
C ALA A 97 17.49 -21.95 -25.28
N SER A 98 16.54 -21.56 -26.14
CA SER A 98 16.19 -20.15 -26.35
C SER A 98 15.43 -19.46 -25.21
N GLU A 99 15.09 -20.15 -24.12
CA GLU A 99 14.39 -19.50 -23.01
C GLU A 99 14.97 -19.85 -21.64
N VAL A 100 15.12 -18.86 -20.77
CA VAL A 100 15.60 -19.05 -19.40
C VAL A 100 14.53 -19.89 -18.66
N PRO A 101 14.92 -20.88 -17.82
CA PRO A 101 13.90 -21.68 -17.10
C PRO A 101 13.04 -20.80 -16.18
N ILE A 102 11.74 -21.09 -16.12
CA ILE A 102 10.81 -20.30 -15.31
C ILE A 102 10.92 -20.59 -13.80
N MET A 103 11.46 -21.77 -13.41
CA MET A 103 11.59 -22.25 -12.03
C MET A 103 10.20 -22.27 -11.38
N ASP A 104 9.99 -21.54 -10.27
CA ASP A 104 8.69 -21.47 -9.61
C ASP A 104 7.88 -20.21 -10.01
N GLY A 105 8.39 -19.46 -11.01
CA GLY A 105 7.76 -18.25 -11.54
C GLY A 105 8.23 -16.95 -10.90
N SER A 106 9.07 -17.05 -9.85
CA SER A 106 9.61 -15.90 -9.11
C SER A 106 11.13 -15.81 -9.30
N ALA A 107 11.79 -14.91 -8.55
CA ALA A 107 13.24 -14.80 -8.57
C ALA A 107 13.87 -15.64 -7.43
N GLY A 108 13.01 -16.13 -6.52
CA GLY A 108 13.38 -16.94 -5.35
C GLY A 108 14.38 -18.06 -5.60
N PRO A 109 14.12 -19.03 -6.52
CA PRO A 109 15.12 -20.10 -6.75
C PRO A 109 16.46 -19.59 -7.27
N PHE A 110 16.45 -18.52 -8.11
CA PHE A 110 17.71 -17.91 -8.61
C PHE A 110 18.50 -17.25 -7.50
N VAL A 111 17.81 -16.54 -6.59
CA VAL A 111 18.44 -15.88 -5.46
C VAL A 111 19.11 -16.93 -4.56
N PHE A 112 18.41 -18.04 -4.32
CA PHE A 112 18.95 -19.12 -3.50
C PHE A 112 20.16 -19.80 -4.17
N LEU A 113 20.05 -20.18 -5.46
CA LEU A 113 21.16 -20.82 -6.18
C LEU A 113 22.42 -19.93 -6.18
N ILE A 114 22.22 -18.62 -6.37
CA ILE A 114 23.35 -17.69 -6.33
C ILE A 114 23.94 -17.61 -4.89
N GLN A 115 23.08 -17.40 -3.88
CA GLN A 115 23.53 -17.26 -2.48
C GLN A 115 24.10 -18.54 -1.91
N SER A 116 23.76 -19.70 -2.50
CA SER A 116 24.29 -21.00 -2.11
C SER A 116 25.76 -21.02 -2.46
N ALA A 117 26.07 -20.77 -3.75
CA ALA A 117 27.42 -20.69 -4.31
C ALA A 117 28.22 -19.54 -3.64
N GLY A 118 27.56 -18.43 -3.41
CA GLY A 118 28.15 -17.27 -2.77
C GLY A 118 28.71 -16.28 -3.76
N LEU A 119 28.89 -15.04 -3.30
CA LEU A 119 29.36 -13.94 -4.11
C LEU A 119 30.82 -13.66 -3.85
N GLN A 120 31.54 -13.23 -4.88
CA GLN A 120 32.95 -12.89 -4.80
C GLN A 120 33.05 -11.40 -5.12
N GLU A 121 33.56 -10.61 -4.16
CA GLU A 121 33.81 -9.19 -4.40
C GLU A 121 35.09 -9.10 -5.21
N GLN A 122 35.09 -8.20 -6.17
CA GLN A 122 36.21 -8.00 -7.09
C GLN A 122 36.87 -6.64 -6.83
N GLU A 123 38.19 -6.56 -7.04
CA GLU A 123 38.98 -5.37 -6.76
C GLU A 123 38.84 -4.28 -7.84
N ALA A 124 37.61 -3.79 -8.02
CA ALA A 124 37.25 -2.71 -8.95
C ALA A 124 35.98 -2.05 -8.44
N ALA A 125 35.89 -0.72 -8.54
CA ALA A 125 34.68 -0.03 -8.06
C ALA A 125 33.43 -0.39 -8.87
N LYS A 126 32.30 -0.56 -8.16
CA LYS A 126 31.01 -0.80 -8.82
C LYS A 126 30.52 0.55 -9.37
N LYS A 127 30.12 0.55 -10.64
CA LYS A 127 29.63 1.75 -11.29
C LYS A 127 28.12 1.82 -11.19
N PHE A 128 27.61 2.96 -10.72
CA PHE A 128 26.18 3.21 -10.58
C PHE A 128 25.78 4.29 -11.52
N ILE A 129 24.50 4.32 -11.85
CA ILE A 129 23.98 5.38 -12.69
C ILE A 129 23.02 6.22 -11.87
N ARG A 130 23.40 7.48 -11.63
CA ARG A 130 22.52 8.35 -10.86
C ARG A 130 21.53 9.06 -11.77
N ILE A 131 20.24 9.04 -11.40
CA ILE A 131 19.19 9.77 -12.14
C ILE A 131 19.29 11.23 -11.65
N LYS A 132 19.64 12.14 -12.56
CA LYS A 132 19.84 13.56 -12.31
C LYS A 132 18.60 14.41 -12.55
N ARG A 133 17.74 13.98 -13.47
CA ARG A 133 16.49 14.65 -13.77
C ARG A 133 15.46 13.63 -14.25
N GLU A 134 14.18 14.00 -14.17
CA GLU A 134 13.05 13.16 -14.56
C GLU A 134 13.09 12.76 -16.04
N VAL A 135 12.88 11.47 -16.31
CA VAL A 135 12.78 10.93 -17.67
C VAL A 135 11.48 10.11 -17.68
N SER A 136 10.62 10.33 -18.68
CA SER A 136 9.38 9.56 -18.74
C SER A 136 8.98 9.17 -20.14
N VAL A 137 8.26 8.05 -20.25
CA VAL A 137 7.68 7.54 -21.49
C VAL A 137 6.23 7.19 -21.21
N GLU A 138 5.36 7.54 -22.13
CA GLU A 138 3.93 7.29 -22.04
C GLU A 138 3.50 6.71 -23.37
N GLU A 139 2.47 5.85 -23.34
CA GLU A 139 1.80 5.36 -24.52
C GLU A 139 0.39 4.97 -24.08
N GLY A 140 -0.59 5.75 -24.51
CA GLY A 140 -1.99 5.58 -24.10
C GLY A 140 -2.12 5.83 -22.61
N ASP A 141 -2.71 4.88 -21.89
CA ASP A 141 -2.86 5.03 -20.43
C ASP A 141 -1.68 4.39 -19.66
N LYS A 142 -0.61 3.99 -20.38
CA LYS A 142 0.57 3.36 -19.76
C LYS A 142 1.67 4.39 -19.57
N ARG A 143 2.37 4.34 -18.44
CA ARG A 143 3.43 5.30 -18.16
C ARG A 143 4.58 4.66 -17.37
N ALA A 144 5.81 5.05 -17.69
CA ALA A 144 7.01 4.55 -17.01
C ALA A 144 7.93 5.74 -16.81
N VAL A 145 8.29 6.01 -15.55
CA VAL A 145 9.06 7.22 -15.19
C VAL A 145 10.27 6.92 -14.28
N PHE A 146 11.33 7.71 -14.46
CA PHE A 146 12.50 7.75 -13.59
C PHE A 146 12.47 9.12 -12.95
N VAL A 147 12.59 9.17 -11.63
CA VAL A 147 12.59 10.41 -10.87
C VAL A 147 13.87 10.40 -10.02
N PRO A 148 14.60 11.53 -9.89
CA PRO A 148 15.78 11.51 -9.01
C PRO A 148 15.34 11.17 -7.58
N PHE A 149 16.14 10.33 -6.94
CA PHE A 149 15.94 9.80 -5.59
C PHE A 149 17.28 9.26 -5.10
N ASP A 150 17.66 9.66 -3.91
CA ASP A 150 18.94 9.26 -3.33
C ASP A 150 18.86 7.86 -2.67
N GLY A 151 18.84 6.84 -3.50
CA GLY A 151 18.75 5.43 -3.11
C GLY A 151 18.14 4.70 -4.30
N PHE A 152 17.38 3.62 -4.03
CA PHE A 152 16.68 2.95 -5.12
C PHE A 152 15.27 2.60 -4.64
N LYS A 153 14.27 3.06 -5.39
CA LYS A 153 12.88 2.90 -5.03
C LYS A 153 12.06 2.52 -6.26
N VAL A 154 11.11 1.60 -6.09
CA VAL A 154 10.22 1.18 -7.19
C VAL A 154 8.78 1.31 -6.72
N SER A 155 7.97 2.04 -7.49
CA SER A 155 6.54 2.22 -7.26
C SER A 155 5.84 1.67 -8.47
N PHE A 156 4.72 0.95 -8.25
CA PHE A 156 3.99 0.37 -9.36
C PHE A 156 2.50 0.36 -9.09
N GLU A 157 1.72 0.51 -10.17
CA GLU A 157 0.27 0.50 -10.15
C GLU A 157 -0.21 -0.34 -11.31
N ILE A 158 -1.05 -1.31 -11.04
CA ILE A 158 -1.68 -2.14 -12.05
C ILE A 158 -3.19 -1.86 -11.94
N ASP A 159 -3.94 -2.09 -13.00
CA ASP A 159 -5.37 -1.84 -12.99
C ASP A 159 -6.06 -2.92 -13.82
N PHE A 160 -6.40 -4.05 -13.18
CA PHE A 160 -7.08 -5.17 -13.83
C PHE A 160 -8.56 -5.15 -13.43
N ASP A 161 -9.48 -5.26 -14.42
CA ASP A 161 -10.91 -5.33 -14.14
C ASP A 161 -11.30 -6.81 -13.95
N HIS A 162 -10.87 -7.38 -12.81
CA HIS A 162 -11.08 -8.78 -12.43
C HIS A 162 -11.37 -8.86 -10.92
N PRO A 163 -12.31 -9.75 -10.45
CA PRO A 163 -12.63 -9.80 -9.00
C PRO A 163 -11.46 -10.11 -8.05
N VAL A 164 -10.46 -10.86 -8.52
CA VAL A 164 -9.26 -11.22 -7.74
C VAL A 164 -8.40 -9.98 -7.41
N PHE A 165 -8.44 -8.95 -8.29
CA PHE A 165 -7.65 -7.72 -8.17
C PHE A 165 -8.40 -6.58 -7.49
N ARG A 168 -7.95 -6.77 -3.74
CA ARG A 168 -6.56 -6.79 -3.32
C ARG A 168 -5.82 -5.47 -3.63
N THR A 169 -4.63 -5.32 -3.04
CA THR A 169 -3.74 -4.16 -3.21
C THR A 169 -3.16 -4.15 -4.66
N GLN A 170 -3.51 -3.12 -5.49
CA GLN A 170 -3.04 -2.98 -6.88
C GLN A 170 -1.93 -1.92 -7.03
N GLN A 171 -1.45 -1.39 -5.90
CA GLN A 171 -0.40 -0.40 -5.86
C GLN A 171 0.59 -0.82 -4.80
N ALA A 172 1.89 -0.63 -5.07
CA ALA A 172 2.92 -0.92 -4.09
C ALA A 172 4.13 -0.07 -4.39
N SER A 173 4.84 0.32 -3.33
CA SER A 173 6.07 1.09 -3.40
C SER A 173 7.08 0.40 -2.48
N VAL A 174 8.23 0.01 -3.03
CA VAL A 174 9.29 -0.65 -2.27
C VAL A 174 10.55 0.25 -2.28
N ASP A 175 11.01 0.63 -1.09
CA ASP A 175 12.22 1.42 -0.92
C ASP A 175 13.28 0.46 -0.44
N PHE A 176 14.35 0.30 -1.21
CA PHE A 176 15.40 -0.66 -0.88
C PHE A 176 16.36 -0.19 0.24
N SER A 177 16.04 0.94 0.90
CA SER A 177 16.78 1.42 2.08
C SER A 177 16.05 0.92 3.31
N SER A 178 14.74 0.63 3.16
CA SER A 178 13.85 0.18 4.22
C SER A 178 13.50 -1.32 4.13
N THR A 179 13.39 -1.85 2.89
CA THR A 179 13.01 -3.26 2.69
C THR A 179 13.90 -4.01 1.70
N SER A 180 14.32 -5.22 2.10
CA SER A 180 15.18 -6.06 1.27
C SER A 180 14.43 -6.69 0.10
N PHE A 181 15.13 -6.77 -1.02
CA PHE A 181 14.68 -7.42 -2.25
C PHE A 181 14.32 -8.87 -1.92
N VAL A 182 15.20 -9.58 -1.19
CA VAL A 182 15.04 -10.98 -0.84
C VAL A 182 13.70 -11.27 -0.15
N LYS A 183 13.43 -10.57 0.96
CA LYS A 183 12.24 -10.77 1.76
C LYS A 183 10.95 -10.26 1.13
N GLU A 184 10.98 -9.08 0.53
CA GLU A 184 9.77 -8.42 0.05
C GLU A 184 9.38 -8.64 -1.39
N VAL A 185 10.33 -8.92 -2.28
CA VAL A 185 10.03 -9.00 -3.71
C VAL A 185 10.38 -10.34 -4.37
N SER A 186 11.55 -10.93 -4.03
CA SER A 186 12.11 -12.12 -4.73
C SER A 186 11.15 -13.27 -4.94
N ARG A 187 10.30 -13.56 -3.95
CA ARG A 187 9.35 -14.68 -3.98
C ARG A 187 8.04 -14.42 -4.76
N ALA A 188 7.84 -13.19 -5.27
CA ALA A 188 6.61 -12.85 -5.99
C ALA A 188 6.59 -13.53 -7.35
N ARG A 189 5.62 -14.46 -7.54
CA ARG A 189 5.48 -15.26 -8.76
C ARG A 189 4.75 -14.54 -9.86
N THR A 190 5.03 -14.96 -11.10
CA THR A 190 4.37 -14.51 -12.29
C THR A 190 2.92 -15.02 -12.23
N PHE A 191 2.04 -14.42 -13.04
CA PHE A 191 0.64 -14.76 -13.02
C PHE A 191 0.04 -14.78 -14.42
N GLY A 192 -0.98 -15.60 -14.58
CA GLY A 192 -1.72 -15.74 -15.83
C GLY A 192 -3.19 -15.98 -15.57
N PHE A 193 -4.03 -15.58 -16.52
CA PHE A 193 -5.47 -15.76 -16.44
C PHE A 193 -5.83 -16.98 -17.28
N MET A 194 -6.55 -17.94 -16.69
CA MET A 194 -6.95 -19.17 -17.36
C MET A 194 -7.50 -18.90 -18.78
N ARG A 195 -8.41 -17.92 -18.94
CA ARG A 195 -9.03 -17.53 -20.22
C ARG A 195 -8.02 -17.13 -21.32
N ASP A 196 -6.89 -16.50 -20.94
CA ASP A 196 -5.83 -16.06 -21.85
C ASP A 196 -4.94 -17.22 -22.30
N ILE A 197 -4.61 -18.15 -21.36
CA ILE A 197 -3.76 -19.34 -21.57
C ILE A 197 -4.20 -20.13 -22.80
N GLU A 198 -5.52 -20.19 -23.03
CA GLU A 198 -6.15 -20.87 -24.17
C GLU A 198 -5.67 -20.21 -25.48
N TYR A 199 -5.78 -18.87 -25.55
CA TYR A 199 -5.35 -18.06 -26.70
C TYR A 199 -3.82 -18.08 -26.82
N LEU A 200 -3.11 -18.02 -25.69
CA LEU A 200 -1.64 -18.01 -25.68
C LEU A 200 -1.04 -19.30 -26.24
N ARG A 201 -1.61 -20.46 -25.88
CA ARG A 201 -1.13 -21.75 -26.36
C ARG A 201 -1.34 -21.98 -27.87
N SER A 202 -2.37 -21.34 -28.46
CA SER A 202 -2.62 -21.42 -29.91
C SER A 202 -1.50 -20.65 -30.67
N GLN A 203 -0.84 -19.69 -29.98
CA GLN A 203 0.24 -18.85 -30.51
C GLN A 203 1.61 -19.39 -30.09
N ASN A 204 1.66 -20.64 -29.59
CA ASN A 204 2.87 -21.30 -29.07
C ASN A 204 3.50 -20.47 -27.94
N LEU A 205 2.65 -19.98 -27.02
CA LEU A 205 3.09 -19.22 -25.84
C LEU A 205 2.49 -19.89 -24.63
N ALA A 206 3.04 -19.59 -23.42
CA ALA A 206 2.60 -20.18 -22.14
C ALA A 206 2.55 -21.73 -22.13
N LEU A 207 3.34 -22.40 -23.01
CA LEU A 207 3.34 -23.87 -23.17
C LEU A 207 3.84 -24.61 -21.94
N GLY A 208 4.72 -23.99 -21.16
CA GLY A 208 5.23 -24.59 -19.94
C GLY A 208 4.56 -24.09 -18.67
N GLY A 209 3.57 -23.20 -18.80
CA GLY A 209 2.88 -22.63 -17.66
C GLY A 209 2.00 -23.61 -16.93
N SER A 210 1.94 -23.52 -15.58
CA SER A 210 1.11 -24.38 -14.73
C SER A 210 1.04 -23.77 -13.33
N VAL A 211 0.27 -24.36 -12.41
CA VAL A 211 0.22 -23.90 -11.00
C VAL A 211 1.59 -24.07 -10.28
N GLU A 212 2.48 -24.90 -10.85
CA GLU A 212 3.83 -25.13 -10.32
C GLU A 212 4.80 -23.97 -10.59
N ASN A 213 4.50 -23.12 -11.57
CA ASN A 213 5.40 -22.01 -11.90
C ASN A 213 4.69 -20.68 -12.08
N ALA A 214 3.43 -20.57 -11.64
CA ALA A 214 2.67 -19.34 -11.83
C ALA A 214 1.43 -19.30 -10.95
N ILE A 215 0.94 -18.08 -10.68
CA ILE A 215 -0.33 -17.92 -10.01
C ILE A 215 -1.30 -18.04 -11.19
N VAL A 216 -2.24 -18.98 -11.14
CA VAL A 216 -3.18 -19.18 -12.24
C VAL A 216 -4.51 -18.66 -11.72
N VAL A 217 -5.05 -17.64 -12.39
CA VAL A 217 -6.26 -16.98 -11.98
C VAL A 217 -7.43 -17.48 -12.85
N ASP A 218 -8.48 -17.97 -12.18
CA ASP A 218 -9.74 -18.43 -12.74
C ASP A 218 -10.65 -17.19 -12.98
N GLU A 219 -11.94 -17.39 -13.28
CA GLU A 219 -12.85 -16.27 -13.52
C GLU A 219 -13.13 -15.45 -12.24
N ASN A 220 -13.20 -16.10 -11.05
CA ASN A 220 -13.47 -15.39 -9.79
C ASN A 220 -12.40 -15.57 -8.68
N ARG A 221 -11.41 -16.49 -8.82
CA ARG A 221 -10.40 -16.72 -7.77
C ARG A 221 -9.03 -17.28 -8.26
N VAL A 222 -8.04 -17.31 -7.33
CA VAL A 222 -6.72 -17.92 -7.57
C VAL A 222 -6.94 -19.46 -7.55
N LEU A 223 -6.46 -20.16 -8.59
CA LEU A 223 -6.59 -21.62 -8.69
C LEU A 223 -5.62 -22.39 -7.81
N ASN A 224 -4.43 -21.83 -7.57
CA ASN A 224 -3.36 -22.45 -6.78
C ASN A 224 -3.89 -22.84 -5.39
N GLU A 225 -3.80 -24.14 -5.08
CA GLU A 225 -4.24 -24.74 -3.81
C GLU A 225 -3.79 -23.95 -2.58
N ASP A 226 -2.48 -23.63 -2.53
CA ASP A 226 -1.83 -22.97 -1.40
C ASP A 226 -2.02 -21.45 -1.37
N GLY A 227 -2.70 -20.89 -2.37
CA GLY A 227 -2.95 -19.46 -2.45
C GLY A 227 -1.74 -18.61 -2.77
N LEU A 228 -1.69 -17.40 -2.18
CA LEU A 228 -0.67 -16.39 -2.41
C LEU A 228 0.44 -16.31 -1.34
N ARG A 229 1.65 -15.87 -1.77
CA ARG A 229 2.84 -15.68 -0.94
C ARG A 229 2.82 -14.31 -0.26
N TYR A 230 2.15 -13.35 -0.89
CA TYR A 230 1.98 -12.01 -0.37
C TYR A 230 0.57 -11.60 -0.77
N GLU A 231 -0.05 -10.74 0.05
CA GLU A 231 -1.39 -10.21 -0.19
C GLU A 231 -1.42 -9.45 -1.52
N ASP A 232 -0.32 -8.75 -1.82
CA ASP A 232 -0.13 -7.97 -3.04
C ASP A 232 0.90 -8.66 -3.97
N GLU A 233 0.84 -9.99 -4.09
CA GLU A 233 1.82 -10.72 -4.91
C GLU A 233 1.84 -10.26 -6.40
N PHE A 234 0.67 -9.93 -7.00
CA PHE A 234 0.60 -9.50 -8.40
C PHE A 234 1.43 -8.24 -8.68
N VAL A 235 1.20 -7.16 -7.90
CA VAL A 235 1.93 -5.92 -8.08
C VAL A 235 3.41 -6.09 -7.65
N LYS A 236 3.69 -6.93 -6.61
CA LYS A 236 5.09 -7.19 -6.23
C LYS A 236 5.83 -7.94 -7.37
N HIS A 237 5.13 -8.77 -8.19
CA HIS A 237 5.79 -9.44 -9.32
C HIS A 237 6.10 -8.42 -10.42
N LYS A 238 5.19 -7.43 -10.63
CA LYS A 238 5.41 -6.35 -11.59
C LYS A 238 6.66 -5.56 -11.18
N ILE A 239 6.88 -5.37 -9.87
CA ILE A 239 8.08 -4.68 -9.35
C ILE A 239 9.33 -5.54 -9.65
N LEU A 240 9.25 -6.86 -9.36
CA LEU A 240 10.30 -7.84 -9.68
C LEU A 240 10.68 -7.71 -11.19
N ASP A 241 9.71 -7.71 -12.10
CA ASP A 241 9.94 -7.56 -13.54
C ASP A 241 10.65 -6.24 -13.87
N ALA A 242 10.21 -5.12 -13.28
CA ALA A 242 10.83 -3.82 -13.57
C ALA A 242 12.31 -3.81 -13.13
N ILE A 243 12.61 -4.41 -11.96
CA ILE A 243 13.99 -4.48 -11.45
C ILE A 243 14.88 -5.25 -12.46
N GLY A 244 14.36 -6.33 -13.02
CA GLY A 244 15.05 -7.14 -14.01
C GLY A 244 15.23 -6.42 -15.34
N ASP A 245 14.14 -5.84 -15.88
CA ASP A 245 14.19 -5.08 -17.14
C ASP A 245 15.14 -3.87 -17.03
N LEU A 246 15.13 -3.17 -15.90
CA LEU A 246 15.98 -2.00 -15.64
C LEU A 246 17.46 -2.40 -15.54
N TYR A 247 17.74 -3.65 -15.13
CA TYR A 247 19.12 -4.10 -14.99
C TYR A 247 19.82 -4.24 -16.34
N LEU A 248 19.04 -4.22 -17.44
CA LEU A 248 19.58 -4.24 -18.79
C LEU A 248 20.34 -2.93 -19.11
N LEU A 249 20.25 -1.94 -18.23
CA LEU A 249 21.03 -0.70 -18.35
C LEU A 249 22.53 -1.05 -18.20
N GLY A 250 22.83 -2.17 -17.52
CA GLY A 250 24.20 -2.67 -17.35
C GLY A 250 24.89 -2.15 -16.10
N ASN A 251 24.21 -1.25 -15.37
CA ASN A 251 24.72 -0.69 -14.12
C ASN A 251 23.52 -0.45 -13.23
N SER A 252 23.74 -0.53 -11.91
CA SER A 252 22.72 -0.28 -10.88
C SER A 252 22.29 1.17 -10.86
N LEU A 253 20.98 1.40 -10.76
CA LEU A 253 20.39 2.72 -10.78
C LEU A 253 20.29 3.33 -9.40
N ILE A 254 20.49 4.66 -9.32
CA ILE A 254 20.27 5.44 -8.11
C ILE A 254 19.17 6.41 -8.55
N GLY A 255 17.95 6.08 -8.16
CA GLY A 255 16.77 6.87 -8.49
C GLY A 255 15.51 6.13 -8.15
N GLU A 256 14.41 6.65 -8.62
CA GLU A 256 13.10 6.03 -8.40
C GLU A 256 12.43 5.66 -9.70
N PHE A 257 11.92 4.42 -9.78
CA PHE A 257 11.15 4.00 -10.94
C PHE A 257 9.67 4.04 -10.54
N ARG A 258 8.84 4.59 -11.42
CA ARG A 258 7.39 4.60 -11.23
C ARG A 258 6.74 4.03 -12.48
N GLY A 259 5.99 2.96 -12.31
CA GLY A 259 5.26 2.26 -13.37
C GLY A 259 3.76 2.37 -13.19
N PHE A 260 3.05 2.68 -14.27
CA PHE A 260 1.61 2.84 -14.25
C PHE A 260 1.08 1.99 -15.38
N LYS A 261 0.66 0.75 -15.05
CA LYS A 261 0.15 -0.24 -16.02
C LYS A 261 1.25 -0.61 -17.05
N SER A 262 2.52 -0.36 -16.73
CA SER A 262 3.59 -0.65 -17.66
C SER A 262 4.00 -2.12 -17.66
N GLY A 263 4.82 -2.48 -18.63
CA GLY A 263 5.29 -3.84 -18.83
C GLY A 263 6.66 -3.80 -19.46
N HIS A 264 7.10 -4.94 -20.01
CA HIS A 264 8.43 -5.06 -20.62
C HIS A 264 8.72 -4.04 -21.73
N ALA A 265 7.76 -3.83 -22.64
CA ALA A 265 7.92 -2.91 -23.77
C ALA A 265 8.21 -1.48 -23.34
N LEU A 266 7.41 -0.97 -22.41
CA LEU A 266 7.59 0.39 -21.94
C LEU A 266 8.82 0.52 -21.03
N ASN A 267 9.16 -0.55 -20.27
CA ASN A 267 10.36 -0.59 -19.41
C ASN A 267 11.61 -0.40 -20.28
N ASN A 268 11.67 -1.12 -21.41
CA ASN A 268 12.77 -0.99 -22.37
C ASN A 268 12.79 0.37 -23.05
N GLN A 269 11.60 0.91 -23.42
CA GLN A 269 11.48 2.24 -24.02
C GLN A 269 12.00 3.33 -23.08
N LEU A 270 11.69 3.23 -21.79
CA LEU A 270 12.18 4.14 -20.76
C LEU A 270 13.71 4.09 -20.70
N LEU A 271 14.31 2.87 -20.69
CA LEU A 271 15.77 2.69 -20.68
C LEU A 271 16.38 3.35 -21.91
N ARG A 272 15.78 3.10 -23.09
CA ARG A 272 16.25 3.68 -24.36
C ARG A 272 16.25 5.21 -24.34
N THR A 273 15.19 5.79 -23.74
CA THR A 273 15.03 7.24 -23.60
C THR A 273 16.06 7.82 -22.60
N LEU A 274 16.26 7.14 -21.47
CA LEU A 274 17.27 7.56 -20.48
C LEU A 274 18.66 7.54 -21.12
N ILE A 275 19.05 6.41 -21.80
CA ILE A 275 20.35 6.28 -22.50
C ILE A 275 20.56 7.45 -23.47
N ALA A 276 19.55 7.76 -24.28
CA ALA A 276 19.60 8.87 -25.23
C ALA A 276 19.71 10.23 -24.52
N ASP A 277 19.05 10.41 -23.36
CA ASP A 277 19.06 11.68 -22.65
C ASP A 277 20.26 11.72 -21.71
N LYS A 278 21.46 11.87 -22.25
CA LYS A 278 22.70 11.80 -21.47
C LYS A 278 22.84 12.87 -20.36
N ASP A 279 22.08 13.98 -20.44
CA ASP A 279 22.14 15.01 -19.40
C ASP A 279 21.32 14.61 -18.17
N ALA A 280 20.51 13.56 -18.30
CA ALA A 280 19.65 13.08 -17.23
C ALA A 280 20.36 12.13 -16.28
N TRP A 281 21.58 11.68 -16.63
CA TRP A 281 22.28 10.70 -15.81
C TRP A 281 23.80 10.83 -15.85
N GLU A 282 24.47 10.24 -14.84
CA GLU A 282 25.91 10.26 -14.69
C GLU A 282 26.37 8.97 -14.02
N VAL A 283 27.54 8.46 -14.42
CA VAL A 283 28.12 7.25 -13.85
C VAL A 283 28.88 7.68 -12.60
N VAL A 284 28.62 7.02 -11.47
CA VAL A 284 29.26 7.35 -10.19
C VAL A 284 29.77 6.12 -9.44
N THR A 285 30.80 6.32 -8.62
CA THR A 285 31.38 5.27 -7.75
C THR A 285 31.37 5.79 -6.31
N PHE A 286 31.44 4.88 -5.34
CA PHE A 286 31.47 5.22 -3.92
C PHE A 286 32.68 4.61 -3.26
N GLU A 287 33.55 5.48 -2.74
CA GLU A 287 34.80 5.09 -2.08
C GLU A 287 34.51 4.64 -0.67
N ASP A 288 33.40 5.14 -0.10
CA ASP A 288 32.98 4.76 1.23
C ASP A 288 31.55 4.24 1.22
N ALA A 289 31.38 2.94 1.56
CA ALA A 289 30.10 2.26 1.64
C ALA A 289 29.17 2.84 2.74
N ARG A 290 29.74 3.49 3.77
CA ARG A 290 29.00 4.13 4.85
C ARG A 290 28.21 5.36 4.33
N THR A 291 28.74 6.07 3.30
CA THR A 291 28.12 7.25 2.69
C THR A 291 27.06 6.86 1.62
N ALA A 292 27.35 5.81 0.83
CA ALA A 292 26.57 5.27 -0.30
C ALA A 292 25.05 5.17 -0.10
N PRO A 293 24.25 5.57 -1.14
CA PRO A 293 22.79 5.54 -1.00
C PRO A 293 22.18 4.15 -1.13
N ILE A 294 22.94 3.19 -1.70
CA ILE A 294 22.47 1.80 -1.87
C ILE A 294 23.41 0.85 -1.14
N SER A 295 22.85 -0.03 -0.32
CA SER A 295 23.63 -1.00 0.42
C SER A 295 23.31 -2.40 -0.04
N TYR A 296 24.33 -3.23 -0.08
CA TYR A 296 24.19 -4.62 -0.49
C TYR A 296 24.55 -5.51 0.69
N MET A 297 24.03 -6.75 0.70
CA MET A 297 24.35 -7.73 1.72
C MET A 297 25.81 -8.11 1.60
N ARG A 298 26.39 -8.56 2.72
CA ARG A 298 27.76 -9.08 2.78
C ARG A 298 27.90 -10.23 1.76
N PRO A 299 29.08 -10.41 1.12
CA PRO A 299 29.19 -11.49 0.12
C PRO A 299 29.09 -12.88 0.77
N MET B 1 -34.98 -5.78 4.54
CA MET B 1 -34.20 -4.60 4.17
C MET B 1 -33.15 -4.22 5.21
N ILE B 2 -32.11 -3.42 4.80
CA ILE B 2 -31.15 -2.92 5.79
C ILE B 2 -31.84 -1.69 6.39
N LYS B 3 -32.10 -1.74 7.70
CA LYS B 3 -32.83 -0.70 8.43
C LYS B 3 -31.91 0.30 9.09
N GLN B 4 -32.48 1.46 9.41
CA GLN B 4 -31.79 2.47 10.17
C GLN B 4 -31.75 1.98 11.62
N ARG B 5 -30.79 2.47 12.40
CA ARG B 5 -30.62 2.06 13.78
C ARG B 5 -30.50 3.22 14.69
N THR B 6 -30.99 3.05 15.91
CA THR B 6 -30.80 4.03 16.96
C THR B 6 -30.43 3.25 18.23
N LEU B 7 -30.34 3.92 19.37
CA LEU B 7 -30.09 3.28 20.65
C LEU B 7 -31.43 2.74 21.19
N LYS B 8 -31.38 1.65 21.94
CA LYS B 8 -32.57 1.08 22.57
C LYS B 8 -32.88 1.91 23.83
N ASN B 9 -31.83 2.40 24.51
CA ASN B 9 -31.98 3.19 25.75
C ASN B 9 -31.00 4.36 25.81
N ILE B 10 -31.24 5.29 26.73
CA ILE B 10 -30.36 6.42 27.06
C ILE B 10 -29.10 5.82 27.71
N ILE B 11 -27.91 6.19 27.21
CA ILE B 11 -26.60 5.72 27.64
C ILE B 11 -25.77 6.92 28.18
N ARG B 12 -25.11 6.76 29.34
CA ARG B 12 -24.34 7.85 29.97
C ARG B 12 -22.90 7.45 30.23
N ALA B 13 -21.96 8.35 29.86
CA ALA B 13 -20.51 8.19 30.09
C ALA B 13 -19.97 9.45 30.75
N THR B 14 -18.91 9.30 31.55
CA THR B 14 -18.21 10.42 32.20
C THR B 14 -16.72 10.28 31.84
N GLY B 15 -16.05 11.42 31.63
CA GLY B 15 -14.63 11.42 31.35
C GLY B 15 -14.04 12.81 31.32
N VAL B 16 -12.91 12.97 30.64
CA VAL B 16 -12.22 14.25 30.53
C VAL B 16 -11.83 14.50 29.07
N GLY B 17 -11.82 15.75 28.66
CA GLY B 17 -11.38 16.13 27.33
C GLY B 17 -9.88 15.95 27.20
N LEU B 18 -9.44 15.34 26.11
CA LEU B 18 -8.02 15.11 25.83
C LEU B 18 -7.22 16.43 25.83
N HIS B 19 -7.76 17.45 25.18
CA HIS B 19 -7.08 18.72 25.05
C HIS B 19 -7.43 19.70 26.13
N SER B 20 -8.73 19.81 26.47
CA SER B 20 -9.17 20.75 27.51
C SER B 20 -8.86 20.29 28.94
N GLY B 21 -8.84 18.97 29.16
CA GLY B 21 -8.70 18.38 30.48
C GLY B 21 -9.93 18.61 31.35
N GLU B 22 -11.04 19.08 30.74
CA GLU B 22 -12.27 19.39 31.50
C GLU B 22 -13.13 18.16 31.71
N LYS B 23 -13.68 17.99 32.90
CA LYS B 23 -14.60 16.88 33.19
C LYS B 23 -15.85 17.05 32.32
N VAL B 24 -16.41 15.95 31.81
CA VAL B 24 -17.55 16.04 30.91
C VAL B 24 -18.49 14.85 31.05
N TYR B 25 -19.80 15.11 30.98
CA TYR B 25 -20.85 14.09 30.96
C TYR B 25 -21.29 13.97 29.51
N LEU B 26 -21.37 12.75 29.03
CA LEU B 26 -21.80 12.43 27.67
C LEU B 26 -23.06 11.57 27.76
N THR B 27 -24.13 11.96 27.07
CA THR B 27 -25.37 11.18 27.08
C THR B 27 -25.77 10.89 25.63
N LEU B 28 -25.99 9.62 25.31
CA LEU B 28 -26.47 9.21 24.01
C LEU B 28 -27.95 8.89 24.17
N LYS B 29 -28.80 9.60 23.43
CA LYS B 29 -30.25 9.44 23.51
C LYS B 29 -30.80 8.91 22.20
N PRO B 30 -31.73 7.93 22.29
CA PRO B 30 -32.39 7.41 21.07
C PRO B 30 -33.05 8.55 20.29
N ALA B 31 -32.99 8.49 18.97
CA ALA B 31 -33.51 9.52 18.06
C ALA B 31 -34.39 8.88 16.95
N PRO B 32 -35.41 9.59 16.40
CA PRO B 32 -36.24 8.96 15.38
C PRO B 32 -35.54 8.87 14.01
N VAL B 33 -36.19 8.21 13.08
CA VAL B 33 -35.76 8.01 11.69
C VAL B 33 -35.35 9.35 11.04
N ASP B 34 -34.27 9.34 10.27
CA ASP B 34 -33.73 10.47 9.50
C ASP B 34 -33.28 11.67 10.35
N THR B 35 -32.94 11.45 11.61
CA THR B 35 -32.41 12.54 12.46
C THR B 35 -30.91 12.74 12.17
N GLY B 36 -30.18 11.65 11.94
CA GLY B 36 -28.73 11.74 11.84
C GLY B 36 -28.14 11.84 13.25
N ILE B 37 -26.86 12.17 13.38
CA ILE B 37 -26.20 12.35 14.71
C ILE B 37 -26.20 13.87 15.00
N VAL B 38 -26.75 14.28 16.16
CA VAL B 38 -26.84 15.71 16.52
C VAL B 38 -26.25 15.93 17.92
N PHE B 39 -25.23 16.81 18.03
CA PHE B 39 -24.61 17.14 19.32
C PHE B 39 -25.41 18.23 19.95
N CYS B 40 -25.49 18.21 21.27
CA CYS B 40 -26.27 19.16 22.02
C CYS B 40 -25.45 19.62 23.24
N ARG B 41 -25.05 20.92 23.30
CA ARG B 41 -24.23 21.48 24.39
C ARG B 41 -25.14 21.92 25.53
N THR B 42 -25.40 21.02 26.50
CA THR B 42 -26.35 21.28 27.61
C THR B 42 -25.83 22.21 28.72
N ASP B 43 -24.57 22.62 28.67
CA ASP B 43 -23.97 23.52 29.65
C ASP B 43 -24.19 24.98 29.26
N LEU B 44 -24.65 25.21 28.04
CA LEU B 44 -24.88 26.56 27.53
C LEU B 44 -26.31 26.99 27.72
N ASP B 45 -26.51 28.30 27.88
CA ASP B 45 -27.82 28.89 28.10
C ASP B 45 -28.04 30.04 27.12
N PRO B 46 -28.83 29.85 26.03
CA PRO B 46 -29.56 28.64 25.65
C PRO B 46 -28.67 27.50 25.16
N VAL B 47 -29.24 26.29 25.19
CA VAL B 47 -28.62 25.05 24.75
C VAL B 47 -28.40 25.13 23.21
N VAL B 48 -27.19 24.81 22.74
CA VAL B 48 -26.83 24.90 21.32
C VAL B 48 -26.77 23.49 20.70
N GLU B 49 -27.45 23.29 19.54
CA GLU B 49 -27.43 22.01 18.82
C GLU B 49 -26.54 22.12 17.58
N ILE B 50 -25.67 21.14 17.39
CA ILE B 50 -24.78 21.06 16.23
C ILE B 50 -24.87 19.68 15.55
N PRO B 51 -25.50 19.61 14.35
CA PRO B 51 -25.57 18.33 13.64
C PRO B 51 -24.17 17.87 13.25
N ALA B 52 -23.91 16.55 13.34
CA ALA B 52 -22.59 15.99 13.01
C ALA B 52 -22.47 15.87 11.51
N ARG B 53 -22.23 17.01 10.82
CA ARG B 53 -22.18 17.00 9.36
C ARG B 53 -20.93 17.72 8.89
N ALA B 54 -20.41 17.34 7.70
CA ALA B 54 -19.19 17.92 7.14
C ALA B 54 -19.16 19.46 7.11
N GLU B 55 -20.31 20.10 6.80
CA GLU B 55 -20.45 21.57 6.73
C GLU B 55 -20.23 22.29 8.08
N ASN B 56 -20.33 21.55 9.20
CA ASN B 56 -20.20 22.16 10.53
C ASN B 56 -18.81 21.99 11.13
N VAL B 57 -17.88 21.38 10.37
CA VAL B 57 -16.50 21.19 10.80
C VAL B 57 -15.84 22.56 10.65
N GLY B 58 -15.37 23.12 11.74
CA GLY B 58 -14.76 24.45 11.72
C GLY B 58 -13.28 24.47 12.02
N GLU B 59 -12.78 23.40 12.65
CA GLU B 59 -11.36 23.26 12.98
C GLU B 59 -10.94 21.79 12.84
N THR B 60 -9.73 21.60 12.28
CA THR B 60 -9.15 20.28 12.01
C THR B 60 -7.64 20.27 12.30
N THR B 61 -7.19 21.09 13.25
CA THR B 61 -5.77 21.20 13.62
C THR B 61 -5.22 19.93 14.29
N MET B 62 -5.87 19.47 15.38
CA MET B 62 -5.41 18.26 16.08
C MET B 62 -6.49 17.21 16.22
N SER B 63 -7.74 17.66 16.28
CA SER B 63 -8.90 16.77 16.32
C SER B 63 -9.95 17.37 15.37
N THR B 64 -11.07 16.67 15.17
CA THR B 64 -12.17 17.18 14.35
C THR B 64 -13.07 17.95 15.28
N THR B 65 -13.26 19.21 14.98
CA THR B 65 -14.09 20.10 15.79
C THR B 65 -15.30 20.56 14.99
N LEU B 66 -16.51 20.46 15.59
CA LEU B 66 -17.74 20.99 15.02
C LEU B 66 -17.93 22.38 15.63
N VAL B 67 -18.43 23.34 14.82
CA VAL B 67 -18.60 24.74 15.22
C VAL B 67 -19.97 25.28 14.77
N LYS B 68 -20.55 26.18 15.58
CA LYS B 68 -21.79 26.90 15.27
C LYS B 68 -21.65 28.24 15.98
N GLY B 69 -21.35 29.31 15.22
CA GLY B 69 -21.11 30.62 15.80
C GLY B 69 -19.82 30.58 16.59
N ASP B 70 -19.88 30.94 17.89
CA ASP B 70 -18.74 30.89 18.81
C ASP B 70 -18.74 29.61 19.69
N VAL B 71 -19.62 28.64 19.35
CA VAL B 71 -19.77 27.39 20.09
C VAL B 71 -19.07 26.25 19.36
N LYS B 72 -18.38 25.40 20.10
CA LYS B 72 -17.68 24.28 19.49
C LYS B 72 -17.92 22.97 20.20
N VAL B 73 -17.73 21.87 19.46
CA VAL B 73 -17.77 20.49 19.98
C VAL B 73 -16.46 19.86 19.45
N ASP B 74 -15.47 19.70 20.33
CA ASP B 74 -14.14 19.18 20.00
C ASP B 74 -14.06 17.68 20.12
N THR B 75 -13.11 17.09 19.34
CA THR B 75 -12.73 15.67 19.32
C THR B 75 -13.94 14.77 19.18
N VAL B 76 -14.65 14.88 18.06
CA VAL B 76 -15.85 14.07 17.82
C VAL B 76 -15.53 12.71 17.15
N GLU B 77 -14.32 12.60 16.56
CA GLU B 77 -13.93 11.49 15.68
C GLU B 77 -13.98 10.12 16.30
N HIS B 78 -13.58 9.94 17.57
CA HIS B 78 -13.57 8.60 18.17
C HIS B 78 -14.97 8.09 18.48
N LEU B 79 -15.84 8.96 18.96
CA LEU B 79 -17.24 8.59 19.21
C LEU B 79 -17.98 8.32 17.87
N LEU B 80 -17.73 9.17 16.86
CA LEU B 80 -18.32 8.99 15.54
C LEU B 80 -17.83 7.73 14.86
N SER B 81 -16.58 7.34 15.13
CA SER B 81 -16.02 6.11 14.57
C SER B 81 -16.80 4.90 15.12
N ALA B 82 -17.07 4.91 16.45
CA ALA B 82 -17.83 3.83 17.13
C ALA B 82 -19.27 3.74 16.57
N MET B 83 -19.92 4.89 16.35
CA MET B 83 -21.28 4.93 15.81
C MET B 83 -21.32 4.41 14.38
N ALA B 84 -20.32 4.79 13.57
CA ALA B 84 -20.16 4.31 12.18
C ALA B 84 -19.95 2.80 12.16
N GLY B 85 -19.05 2.32 13.04
CA GLY B 85 -18.72 0.90 13.14
C GLY B 85 -19.88 0.00 13.52
N LEU B 86 -20.85 0.54 14.28
CA LEU B 86 -22.04 -0.20 14.73
C LEU B 86 -23.31 0.16 13.92
N GLY B 87 -23.16 1.06 12.95
CA GLY B 87 -24.25 1.47 12.06
C GLY B 87 -25.35 2.30 12.71
N ILE B 88 -24.99 3.17 13.66
CA ILE B 88 -25.94 4.06 14.33
C ILE B 88 -26.24 5.22 13.40
N ASP B 89 -27.47 5.30 12.91
CA ASP B 89 -27.88 6.38 12.02
C ASP B 89 -28.33 7.58 12.78
N ASN B 90 -29.17 7.34 13.81
CA ASN B 90 -29.85 8.39 14.55
C ASN B 90 -29.51 8.41 16.01
N ALA B 91 -29.06 9.58 16.52
CA ALA B 91 -28.76 9.74 17.96
C ALA B 91 -28.63 11.18 18.33
N TYR B 92 -29.04 11.51 19.55
CA TYR B 92 -28.80 12.83 20.12
C TYR B 92 -27.63 12.58 21.05
N VAL B 93 -26.62 13.43 20.96
CA VAL B 93 -25.41 13.30 21.79
C VAL B 93 -25.35 14.55 22.66
N GLU B 94 -25.63 14.42 23.95
CA GLU B 94 -25.59 15.57 24.83
C GLU B 94 -24.25 15.60 25.56
N LEU B 95 -23.61 16.78 25.59
CA LEU B 95 -22.29 16.99 26.23
C LEU B 95 -22.42 18.15 27.20
N SER B 96 -21.81 18.04 28.38
CA SER B 96 -21.83 19.10 29.41
C SER B 96 -20.62 20.04 29.29
N ALA B 97 -19.78 19.84 28.26
CA ALA B 97 -18.57 20.62 28.00
C ALA B 97 -18.26 20.60 26.52
N SER B 98 -17.29 21.43 26.08
CA SER B 98 -16.94 21.58 24.68
C SER B 98 -16.25 20.39 24.04
N GLU B 99 -15.72 19.46 24.82
CA GLU B 99 -15.01 18.33 24.24
C GLU B 99 -15.59 16.99 24.69
N VAL B 100 -15.76 16.07 23.72
CA VAL B 100 -16.15 14.69 23.94
C VAL B 100 -15.08 14.05 24.86
N PRO B 101 -15.46 13.22 25.87
CA PRO B 101 -14.44 12.57 26.72
C PRO B 101 -13.53 11.62 25.93
N ILE B 102 -12.24 11.63 26.25
CA ILE B 102 -11.26 10.80 25.54
C ILE B 102 -11.39 9.32 25.92
N MET B 103 -11.92 9.03 27.12
CA MET B 103 -12.06 7.64 27.63
C MET B 103 -10.66 6.97 27.69
N ASP B 104 -10.44 5.82 27.00
CA ASP B 104 -9.12 5.16 27.00
C ASP B 104 -8.27 5.50 25.72
N GLY B 105 -8.71 6.49 24.94
CA GLY B 105 -8.05 6.94 23.73
C GLY B 105 -8.53 6.27 22.45
N SER B 106 -9.36 5.24 22.58
CA SER B 106 -9.90 4.49 21.45
C SER B 106 -11.43 4.61 21.31
N ALA B 107 -12.03 3.78 20.44
CA ALA B 107 -13.48 3.69 20.23
C ALA B 107 -14.08 2.56 21.10
N GLY B 108 -13.22 1.78 21.76
CA GLY B 108 -13.58 0.64 22.63
C GLY B 108 -14.64 0.95 23.69
N PRO B 109 -14.39 1.93 24.60
CA PRO B 109 -15.40 2.27 25.62
C PRO B 109 -16.75 2.71 25.04
N PHE B 110 -16.75 3.45 23.92
CA PHE B 110 -18.00 3.85 23.25
C PHE B 110 -18.75 2.67 22.65
N VAL B 111 -18.03 1.81 21.89
CA VAL B 111 -18.62 0.60 21.30
C VAL B 111 -19.28 -0.22 22.43
N PHE B 112 -18.57 -0.44 23.57
CA PHE B 112 -19.10 -1.19 24.71
C PHE B 112 -20.33 -0.52 25.32
N LEU B 113 -20.29 0.80 25.58
CA LEU B 113 -21.43 1.49 26.18
C LEU B 113 -22.68 1.45 25.30
N ILE B 114 -22.49 1.52 23.98
CA ILE B 114 -23.59 1.47 23.01
C ILE B 114 -24.16 0.05 22.99
N GLN B 115 -23.29 -0.96 22.84
CA GLN B 115 -23.71 -2.36 22.80
C GLN B 115 -24.32 -2.87 24.14
N SER B 116 -23.98 -2.20 25.27
CA SER B 116 -24.53 -2.54 26.59
C SER B 116 -26.00 -2.09 26.64
N ALA B 117 -26.27 -0.88 26.12
CA ALA B 117 -27.60 -0.29 26.05
C ALA B 117 -28.45 -1.01 24.97
N GLY B 118 -27.78 -1.47 23.92
CA GLY B 118 -28.42 -2.19 22.83
C GLY B 118 -28.84 -1.26 21.70
N LEU B 119 -28.96 -1.85 20.50
CA LEU B 119 -29.36 -1.13 19.30
C LEU B 119 -30.80 -1.41 19.00
N GLN B 120 -31.48 -0.43 18.40
CA GLN B 120 -32.88 -0.55 18.04
C GLN B 120 -32.97 -0.33 16.55
N GLU B 121 -33.42 -1.36 15.80
CA GLU B 121 -33.65 -1.22 14.36
C GLU B 121 -34.94 -0.45 14.16
N GLN B 122 -34.93 0.45 13.18
CA GLN B 122 -36.07 1.30 12.87
C GLN B 122 -36.67 0.94 11.54
N GLU B 123 -37.99 1.09 11.42
CA GLU B 123 -38.79 0.75 10.24
C GLU B 123 -38.65 1.75 9.10
N ALA B 124 -37.41 1.92 8.62
CA ALA B 124 -37.06 2.78 7.50
C ALA B 124 -35.74 2.30 6.93
N ALA B 125 -35.62 2.32 5.59
CA ALA B 125 -34.43 1.85 4.90
C ALA B 125 -33.20 2.71 5.23
N LYS B 126 -32.09 2.04 5.58
CA LYS B 126 -30.84 2.75 5.83
C LYS B 126 -30.31 3.24 4.48
N LYS B 127 -29.95 4.51 4.41
CA LYS B 127 -29.43 5.08 3.15
C LYS B 127 -27.91 5.04 3.15
N PHE B 128 -27.33 4.71 2.00
CA PHE B 128 -25.89 4.62 1.83
C PHE B 128 -25.43 5.55 0.73
N ILE B 129 -24.22 6.06 0.86
CA ILE B 129 -23.62 6.88 -0.18
C ILE B 129 -22.61 5.98 -0.93
N ARG B 130 -22.95 5.67 -2.20
CA ARG B 130 -22.14 4.79 -3.04
C ARG B 130 -21.18 5.60 -3.93
N ILE B 131 -19.86 5.33 -3.82
CA ILE B 131 -18.81 5.95 -4.64
C ILE B 131 -18.89 5.37 -6.07
N LYS B 132 -19.16 6.25 -7.07
CA LYS B 132 -19.32 5.91 -8.50
C LYS B 132 -18.04 6.15 -9.29
N ARG B 133 -17.27 7.17 -8.89
CA ARG B 133 -15.99 7.46 -9.51
C ARG B 133 -15.00 8.01 -8.51
N GLU B 134 -13.73 7.97 -8.87
CA GLU B 134 -12.63 8.44 -8.05
C GLU B 134 -12.73 9.95 -7.72
N VAL B 135 -12.58 10.26 -6.43
CA VAL B 135 -12.53 11.61 -5.90
C VAL B 135 -11.29 11.63 -4.98
N SER B 136 -10.41 12.62 -5.13
CA SER B 136 -9.20 12.76 -4.32
C SER B 136 -8.88 14.22 -4.01
N VAL B 137 -8.15 14.42 -2.91
CA VAL B 137 -7.61 15.70 -2.50
C VAL B 137 -6.14 15.44 -2.18
N GLU B 138 -5.31 16.43 -2.44
CA GLU B 138 -3.86 16.40 -2.20
C GLU B 138 -3.43 17.76 -1.70
N GLU B 139 -2.36 17.77 -0.89
CA GLU B 139 -1.72 18.95 -0.37
C GLU B 139 -0.31 18.51 -0.01
N GLY B 140 0.68 18.94 -0.80
CA GLY B 140 2.08 18.54 -0.62
C GLY B 140 2.21 17.04 -0.80
N ASP B 141 2.77 16.35 0.21
CA ASP B 141 2.92 14.88 0.14
C ASP B 141 1.71 14.12 0.74
N LYS B 142 0.66 14.84 1.15
CA LYS B 142 -0.52 14.24 1.77
C LYS B 142 -1.58 13.98 0.73
N ARG B 143 -2.28 12.86 0.86
CA ARG B 143 -3.33 12.49 -0.09
C ARG B 143 -4.45 11.68 0.58
N ALA B 144 -5.69 11.98 0.22
CA ALA B 144 -6.88 11.26 0.68
C ALA B 144 -7.74 10.99 -0.56
N VAL B 145 -8.16 9.74 -0.75
CA VAL B 145 -8.88 9.32 -1.95
C VAL B 145 -10.08 8.45 -1.62
N PHE B 146 -11.15 8.60 -2.41
CA PHE B 146 -12.31 7.73 -2.46
C PHE B 146 -12.24 7.04 -3.80
N VAL B 147 -12.44 5.72 -3.81
CA VAL B 147 -12.40 4.89 -5.01
C VAL B 147 -13.65 3.96 -4.98
N PRO B 148 -14.32 3.72 -6.13
CA PRO B 148 -15.45 2.78 -6.12
C PRO B 148 -14.98 1.39 -5.67
N PHE B 149 -15.80 0.76 -4.83
CA PHE B 149 -15.51 -0.53 -4.23
C PHE B 149 -16.84 -1.12 -3.76
N ASP B 150 -17.08 -2.41 -4.06
CA ASP B 150 -18.31 -3.11 -3.68
C ASP B 150 -18.28 -3.61 -2.22
N GLY B 151 -18.27 -2.66 -1.31
CA GLY B 151 -18.22 -2.89 0.13
C GLY B 151 -17.68 -1.67 0.81
N PHE B 152 -16.94 -1.84 1.91
CA PHE B 152 -16.32 -0.70 2.59
C PHE B 152 -14.95 -1.12 3.06
N LYS B 153 -13.92 -0.38 2.60
CA LYS B 153 -12.51 -0.67 2.86
C LYS B 153 -11.73 0.60 3.17
N VAL B 154 -10.87 0.54 4.19
CA VAL B 154 -10.04 1.66 4.56
C VAL B 154 -8.59 1.23 4.51
N SER B 155 -7.78 1.92 3.70
CA SER B 155 -6.34 1.68 3.58
C SER B 155 -5.64 2.96 4.06
N PHE B 156 -4.56 2.80 4.80
CA PHE B 156 -3.85 3.95 5.34
C PHE B 156 -2.38 3.66 5.35
N GLU B 157 -1.60 4.72 5.11
CA GLU B 157 -0.16 4.70 5.13
C GLU B 157 0.36 5.97 5.84
N ILE B 158 1.11 5.78 6.94
CA ILE B 158 1.74 6.84 7.71
C ILE B 158 3.24 6.71 7.55
N ASP B 159 3.98 7.81 7.63
CA ASP B 159 5.44 7.79 7.54
C ASP B 159 6.05 8.72 8.57
N PHE B 160 6.45 8.16 9.72
CA PHE B 160 7.10 8.90 10.81
C PHE B 160 8.59 8.56 10.86
N ASP B 161 9.45 9.56 11.15
CA ASP B 161 10.89 9.34 11.28
C ASP B 161 11.14 9.05 12.76
N HIS B 162 10.88 7.80 13.19
CA HIS B 162 10.99 7.40 14.58
C HIS B 162 11.43 5.93 14.77
N PRO B 163 12.40 5.65 15.69
CA PRO B 163 12.85 4.26 15.92
C PRO B 163 11.77 3.23 16.28
N VAL B 164 10.57 3.67 16.66
CA VAL B 164 9.43 2.80 17.00
C VAL B 164 8.83 2.20 15.71
N PHE B 165 9.20 2.77 14.55
CA PHE B 165 8.70 2.33 13.25
C PHE B 165 9.79 1.74 12.35
N THR B 169 7.96 2.92 7.12
CA THR B 169 6.62 3.40 6.77
C THR B 169 5.53 2.39 7.24
N GLN B 170 4.57 2.82 8.07
CA GLN B 170 3.51 1.94 8.56
C GLN B 170 2.30 1.96 7.66
N GLN B 171 1.80 0.76 7.28
CA GLN B 171 0.68 0.60 6.37
C GLN B 171 -0.30 -0.45 6.88
N ALA B 172 -1.61 -0.22 6.66
CA ALA B 172 -2.64 -1.19 7.02
C ALA B 172 -3.88 -0.97 6.18
N SER B 173 -4.58 -2.05 5.85
CA SER B 173 -5.83 -2.01 5.09
C SER B 173 -6.82 -2.90 5.83
N VAL B 174 -8.03 -2.36 6.05
CA VAL B 174 -9.09 -3.11 6.71
C VAL B 174 -10.30 -3.21 5.77
N ASP B 175 -10.75 -4.43 5.49
CA ASP B 175 -11.92 -4.71 4.67
C ASP B 175 -13.08 -4.99 5.61
N PHE B 176 -14.14 -4.16 5.58
CA PHE B 176 -15.33 -4.32 6.41
C PHE B 176 -16.42 -5.08 5.66
N THR B 179 -13.64 -8.33 7.70
CA THR B 179 -13.18 -8.15 9.08
C THR B 179 -13.95 -7.04 9.80
N SER B 180 -14.37 -7.30 11.04
CA SER B 180 -15.16 -6.37 11.82
C SER B 180 -14.36 -5.24 12.45
N PHE B 181 -15.02 -4.07 12.52
CA PHE B 181 -14.59 -2.85 13.15
C PHE B 181 -14.18 -3.13 14.61
N VAL B 182 -15.06 -3.84 15.35
CA VAL B 182 -14.84 -4.12 16.77
C VAL B 182 -13.50 -4.83 17.00
N LYS B 183 -13.26 -5.93 16.29
CA LYS B 183 -12.04 -6.72 16.43
C LYS B 183 -10.78 -6.05 15.88
N GLU B 184 -10.83 -5.51 14.65
CA GLU B 184 -9.63 -4.96 14.01
C GLU B 184 -9.24 -3.54 14.37
N VAL B 185 -10.22 -2.67 14.65
CA VAL B 185 -9.89 -1.25 14.80
C VAL B 185 -10.37 -0.57 16.10
N SER B 186 -11.53 -0.97 16.67
CA SER B 186 -12.12 -0.24 17.83
C SER B 186 -11.16 0.03 19.02
N ARG B 187 -10.23 -0.89 19.34
CA ARG B 187 -9.34 -0.71 20.50
C ARG B 187 -8.05 0.09 20.23
N ALA B 188 -7.81 0.54 18.98
CA ALA B 188 -6.59 1.29 18.63
C ALA B 188 -6.63 2.68 19.25
N ARG B 189 -5.72 2.91 20.22
CA ARG B 189 -5.64 4.16 20.97
C ARG B 189 -4.97 5.27 20.20
N THR B 190 -5.29 6.52 20.57
CA THR B 190 -4.62 7.71 20.05
C THR B 190 -3.16 7.71 20.55
N PHE B 191 -2.32 8.56 19.98
CA PHE B 191 -0.92 8.56 20.34
C PHE B 191 -0.34 9.93 20.23
N GLY B 192 0.76 10.15 20.94
CA GLY B 192 1.45 11.43 20.89
C GLY B 192 2.92 11.23 21.18
N PHE B 193 3.75 12.12 20.65
CA PHE B 193 5.20 12.06 20.89
C PHE B 193 5.55 13.12 21.90
N MET B 194 6.38 12.76 22.89
CA MET B 194 6.80 13.66 23.98
C MET B 194 7.33 15.00 23.48
N ARG B 195 8.08 15.02 22.33
CA ARG B 195 8.57 16.28 21.75
C ARG B 195 7.39 17.24 21.43
N ASP B 196 6.28 16.68 20.92
CA ASP B 196 5.08 17.46 20.60
C ASP B 196 4.28 17.78 21.86
N ILE B 197 4.04 16.77 22.72
CA ILE B 197 3.28 16.90 23.98
C ILE B 197 3.86 18.00 24.88
N GLU B 198 5.22 18.10 25.01
CA GLU B 198 5.87 19.16 25.80
C GLU B 198 5.46 20.55 25.28
N TYR B 199 5.50 20.75 23.94
CA TYR B 199 5.10 22.01 23.32
C TYR B 199 3.60 22.27 23.54
N LEU B 200 2.77 21.27 23.28
CA LEU B 200 1.30 21.38 23.47
C LEU B 200 0.93 21.82 24.89
N ARG B 201 1.55 21.20 25.91
CA ARG B 201 1.33 21.50 27.33
C ARG B 201 1.71 22.94 27.64
N SER B 202 2.81 23.43 27.03
CA SER B 202 3.26 24.80 27.20
C SER B 202 2.24 25.83 26.66
N GLN B 203 1.40 25.41 25.71
CA GLN B 203 0.36 26.21 25.07
C GLN B 203 -1.02 25.87 25.64
N ASN B 204 -1.04 25.18 26.81
CA ASN B 204 -2.28 24.77 27.49
C ASN B 204 -3.15 23.81 26.68
N LEU B 205 -2.51 22.85 25.98
CA LEU B 205 -3.18 21.83 25.18
C LEU B 205 -2.76 20.43 25.64
N ALA B 206 -3.47 19.35 25.19
CA ALA B 206 -3.25 17.95 25.58
C ALA B 206 -3.33 17.76 27.11
N LEU B 207 -4.10 18.64 27.77
CA LEU B 207 -4.25 18.73 29.23
C LEU B 207 -4.79 17.48 29.89
N GLY B 208 -5.67 16.76 29.18
CA GLY B 208 -6.25 15.52 29.69
C GLY B 208 -5.46 14.27 29.35
N GLY B 209 -4.41 14.43 28.53
CA GLY B 209 -3.62 13.30 28.04
C GLY B 209 -2.75 12.63 29.07
N SER B 210 -2.65 11.31 29.01
CA SER B 210 -1.77 10.53 29.89
C SER B 210 -1.59 9.17 29.26
N VAL B 211 -0.78 8.31 29.90
CA VAL B 211 -0.60 6.92 29.44
C VAL B 211 -1.91 6.12 29.57
N GLU B 212 -2.85 6.59 30.43
CA GLU B 212 -4.16 5.96 30.65
C GLU B 212 -5.12 6.16 29.46
N ASN B 213 -4.87 7.14 28.58
CA ASN B 213 -5.77 7.36 27.43
C ASN B 213 -5.02 7.57 26.11
N ALA B 214 -3.72 7.26 26.06
CA ALA B 214 -2.91 7.44 24.86
C ALA B 214 -1.61 6.64 24.90
N ILE B 215 -1.07 6.35 23.70
CA ILE B 215 0.23 5.74 23.53
C ILE B 215 1.18 6.95 23.62
N VAL B 216 2.03 6.95 24.63
CA VAL B 216 2.97 8.06 24.84
C VAL B 216 4.33 7.59 24.44
N VAL B 217 4.92 8.25 23.47
CA VAL B 217 6.20 7.85 22.92
C VAL B 217 7.26 8.90 23.20
N ASP B 218 8.44 8.49 23.69
CA ASP B 218 9.54 9.45 23.85
C ASP B 218 10.44 9.38 22.59
N GLU B 219 11.67 9.93 22.61
CA GLU B 219 12.56 9.93 21.45
C GLU B 219 12.97 8.50 20.99
N ASN B 220 12.93 7.51 21.92
CA ASN B 220 13.34 6.13 21.64
C ASN B 220 12.23 5.07 21.64
N ARG B 221 11.25 5.20 22.53
CA ARG B 221 10.28 4.13 22.74
C ARG B 221 8.90 4.51 23.27
N VAL B 222 7.99 3.52 23.27
CA VAL B 222 6.64 3.56 23.84
C VAL B 222 6.86 3.57 25.36
N LEU B 223 6.30 4.56 26.06
CA LEU B 223 6.43 4.71 27.51
C LEU B 223 5.45 3.86 28.30
N ASN B 224 4.27 3.59 27.73
CA ASN B 224 3.22 2.81 28.37
C ASN B 224 3.82 1.49 28.83
N GLU B 225 3.75 1.23 30.14
CA GLU B 225 4.35 0.02 30.75
C GLU B 225 3.74 -1.27 30.21
N ASP B 226 2.45 -1.25 29.83
CA ASP B 226 1.75 -2.44 29.32
C ASP B 226 1.85 -2.59 27.78
N GLY B 227 2.56 -1.68 27.11
CA GLY B 227 2.80 -1.77 25.68
C GLY B 227 1.61 -1.54 24.77
N LEU B 228 1.62 -2.14 23.58
CA LEU B 228 0.61 -1.96 22.52
C LEU B 228 -0.49 -3.02 22.50
N ARG B 229 -1.69 -2.63 22.01
CA ARG B 229 -2.85 -3.52 21.86
C ARG B 229 -2.81 -4.26 20.55
N TYR B 230 -2.15 -3.69 19.53
CA TYR B 230 -1.97 -4.29 18.21
C TYR B 230 -0.53 -3.98 17.81
N GLU B 231 0.06 -4.83 16.96
CA GLU B 231 1.43 -4.66 16.43
C GLU B 231 1.54 -3.30 15.69
N ASP B 232 0.49 -2.95 14.93
CA ASP B 232 0.38 -1.75 14.11
C ASP B 232 -0.68 -0.79 14.68
N GLU B 233 -0.72 -0.63 16.01
CA GLU B 233 -1.75 0.20 16.66
C GLU B 233 -1.82 1.62 16.13
N PHE B 234 -0.66 2.23 15.85
CA PHE B 234 -0.58 3.62 15.33
C PHE B 234 -1.40 3.80 14.07
N VAL B 235 -1.11 3.01 13.02
CA VAL B 235 -1.82 3.14 11.74
C VAL B 235 -3.31 2.68 11.87
N LYS B 236 -3.61 1.69 12.77
CA LYS B 236 -5.01 1.26 13.01
C LYS B 236 -5.81 2.44 13.62
N HIS B 237 -5.17 3.27 14.47
CA HIS B 237 -5.85 4.45 15.06
C HIS B 237 -6.12 5.50 13.98
N LYS B 238 -5.18 5.68 13.03
CA LYS B 238 -5.41 6.60 11.91
C LYS B 238 -6.62 6.13 11.08
N ILE B 239 -6.81 4.79 10.96
CA ILE B 239 -7.97 4.19 10.26
C ILE B 239 -9.24 4.49 11.06
N LEU B 240 -9.15 4.34 12.40
CA LEU B 240 -10.26 4.63 13.32
C LEU B 240 -10.72 6.12 13.11
N ASP B 241 -9.75 7.08 13.14
CA ASP B 241 -10.02 8.51 12.94
C ASP B 241 -10.70 8.74 11.59
N ALA B 242 -10.21 8.08 10.51
CA ALA B 242 -10.74 8.23 9.16
C ALA B 242 -12.20 7.78 9.11
N ILE B 243 -12.55 6.67 9.77
CA ILE B 243 -13.91 6.14 9.82
C ILE B 243 -14.87 7.13 10.50
N GLY B 244 -14.41 7.74 11.59
CA GLY B 244 -15.15 8.74 12.33
C GLY B 244 -15.28 10.03 11.56
N ASP B 245 -14.16 10.54 10.99
CA ASP B 245 -14.24 11.77 10.17
C ASP B 245 -15.15 11.59 8.93
N LEU B 246 -15.11 10.42 8.29
CA LEU B 246 -15.94 10.09 7.12
C LEU B 246 -17.43 10.02 7.48
N TYR B 247 -17.73 9.64 8.75
CA TYR B 247 -19.13 9.54 9.18
C TYR B 247 -19.83 10.90 9.23
N LEU B 248 -19.05 11.99 9.10
CA LEU B 248 -19.59 13.35 9.01
C LEU B 248 -20.37 13.59 7.70
N LEU B 249 -20.28 12.65 6.73
CA LEU B 249 -21.07 12.70 5.51
C LEU B 249 -22.56 12.53 5.86
N GLY B 250 -22.85 11.86 6.99
CA GLY B 250 -24.21 11.67 7.49
C GLY B 250 -24.82 10.34 7.11
N ASN B 251 -24.14 9.60 6.21
CA ASN B 251 -24.56 8.28 5.76
C ASN B 251 -23.36 7.35 5.61
N SER B 252 -23.58 6.05 5.77
CA SER B 252 -22.52 5.06 5.58
C SER B 252 -22.11 5.02 4.11
N LEU B 253 -20.83 4.80 3.88
CA LEU B 253 -20.24 4.74 2.56
C LEU B 253 -20.13 3.34 1.99
N ILE B 254 -20.20 3.25 0.65
CA ILE B 254 -19.94 2.03 -0.12
C ILE B 254 -18.84 2.48 -1.06
N GLY B 255 -17.62 2.12 -0.71
CA GLY B 255 -16.44 2.48 -1.47
C GLY B 255 -15.20 2.23 -0.67
N GLU B 256 -14.06 2.68 -1.18
CA GLU B 256 -12.77 2.53 -0.52
C GLU B 256 -12.16 3.88 -0.25
N PHE B 257 -11.69 4.09 0.99
CA PHE B 257 -10.94 5.27 1.39
C PHE B 257 -9.46 4.85 1.41
N ARG B 258 -8.58 5.68 0.84
CA ARG B 258 -7.12 5.48 0.89
C ARG B 258 -6.51 6.76 1.42
N GLY B 259 -5.82 6.66 2.55
CA GLY B 259 -5.14 7.79 3.17
C GLY B 259 -3.64 7.61 3.07
N PHE B 260 -2.94 8.69 2.71
CA PHE B 260 -1.49 8.76 2.56
C PHE B 260 -1.05 9.95 3.39
N LYS B 261 -0.60 9.68 4.65
CA LYS B 261 -0.16 10.70 5.64
C LYS B 261 -1.27 11.73 5.91
N SER B 262 -2.51 11.31 5.67
CA SER B 262 -3.73 12.10 5.79
C SER B 262 -4.07 12.36 7.27
N GLY B 263 -4.94 13.32 7.51
CA GLY B 263 -5.38 13.67 8.85
C GLY B 263 -6.78 14.23 8.82
N HIS B 264 -7.23 14.80 9.94
CA HIS B 264 -8.59 15.36 10.06
C HIS B 264 -8.87 16.44 9.01
N ALA B 265 -7.89 17.32 8.74
CA ALA B 265 -8.03 18.40 7.77
C ALA B 265 -8.33 17.91 6.36
N LEU B 266 -7.50 16.97 5.86
CA LEU B 266 -7.69 16.43 4.51
C LEU B 266 -8.89 15.51 4.41
N ASN B 267 -9.26 14.82 5.51
CA ASN B 267 -10.43 13.93 5.54
C ASN B 267 -11.68 14.79 5.32
N ASN B 268 -11.76 15.93 6.03
CA ASN B 268 -12.90 16.83 5.86
C ASN B 268 -12.93 17.44 4.47
N GLN B 269 -11.74 17.79 3.94
CA GLN B 269 -11.63 18.35 2.58
C GLN B 269 -12.07 17.37 1.50
N LEU B 270 -11.79 16.06 1.70
CA LEU B 270 -12.21 15.00 0.80
C LEU B 270 -13.75 14.91 0.80
N LEU B 271 -14.39 14.97 2.00
CA LEU B 271 -15.84 14.98 2.12
C LEU B 271 -16.45 16.17 1.42
N ARG B 272 -15.85 17.37 1.57
CA ARG B 272 -16.36 18.58 0.94
C ARG B 272 -16.27 18.52 -0.58
N THR B 273 -15.18 17.90 -1.08
CA THR B 273 -14.95 17.68 -2.52
C THR B 273 -15.96 16.66 -3.02
N LEU B 274 -16.16 15.56 -2.27
CA LEU B 274 -17.13 14.53 -2.62
C LEU B 274 -18.54 15.13 -2.73
N ILE B 275 -18.97 15.90 -1.69
CA ILE B 275 -20.30 16.52 -1.66
C ILE B 275 -20.52 17.44 -2.88
N ALA B 276 -19.50 18.21 -3.23
CA ALA B 276 -19.51 19.14 -4.35
C ALA B 276 -19.62 18.39 -5.69
N ASP B 277 -18.95 17.23 -5.81
CA ASP B 277 -18.91 16.43 -7.06
C ASP B 277 -20.08 15.43 -7.08
N LYS B 278 -21.31 15.92 -7.30
CA LYS B 278 -22.52 15.10 -7.23
C LYS B 278 -22.58 13.90 -8.21
N ASP B 279 -21.82 13.97 -9.32
CA ASP B 279 -21.80 12.87 -10.28
C ASP B 279 -20.90 11.71 -9.85
N ALA B 280 -20.09 11.92 -8.79
CA ALA B 280 -19.19 10.90 -8.28
C ALA B 280 -19.86 9.96 -7.28
N TRP B 281 -21.14 10.23 -6.92
CA TRP B 281 -21.84 9.40 -5.93
C TRP B 281 -23.36 9.35 -6.12
N GLU B 282 -24.00 8.42 -5.40
CA GLU B 282 -25.45 8.26 -5.40
C GLU B 282 -25.93 7.71 -4.05
N VAL B 283 -27.20 7.93 -3.74
CA VAL B 283 -27.81 7.43 -2.52
C VAL B 283 -28.45 6.09 -2.88
N VAL B 284 -28.15 5.05 -2.10
CA VAL B 284 -28.67 3.70 -2.34
C VAL B 284 -29.25 3.08 -1.07
N THR B 285 -30.24 2.20 -1.23
CA THR B 285 -30.86 1.43 -0.15
C THR B 285 -30.84 -0.04 -0.58
N PHE B 286 -30.99 -0.96 0.39
CA PHE B 286 -30.97 -2.39 0.08
C PHE B 286 -32.20 -3.05 0.65
N GLU B 287 -33.02 -3.63 -0.24
CA GLU B 287 -34.25 -4.33 0.12
C GLU B 287 -33.94 -5.71 0.70
N ASP B 288 -32.74 -6.24 0.37
CA ASP B 288 -32.30 -7.53 0.85
C ASP B 288 -30.89 -7.44 1.43
N ALA B 289 -30.80 -7.49 2.78
CA ALA B 289 -29.54 -7.43 3.52
C ALA B 289 -28.57 -8.56 3.13
N ARG B 290 -29.10 -9.73 2.71
CA ARG B 290 -28.29 -10.89 2.29
C ARG B 290 -27.49 -10.65 1.00
N THR B 291 -27.94 -9.76 0.10
CA THR B 291 -27.24 -9.48 -1.16
C THR B 291 -26.44 -8.14 -1.16
N ALA B 292 -26.52 -7.37 -0.06
CA ALA B 292 -25.87 -6.07 0.07
C ALA B 292 -24.33 -6.21 0.19
N PRO B 293 -23.53 -5.20 -0.24
CA PRO B 293 -22.07 -5.32 -0.11
C PRO B 293 -21.55 -5.06 1.32
N ILE B 294 -22.43 -4.51 2.20
CA ILE B 294 -22.05 -4.21 3.57
C ILE B 294 -22.99 -4.95 4.53
N SER B 295 -22.43 -5.45 5.64
CA SER B 295 -23.19 -6.15 6.66
C SER B 295 -22.94 -5.54 8.03
N TYR B 296 -23.97 -5.55 8.86
CA TYR B 296 -23.89 -5.04 10.22
C TYR B 296 -24.23 -6.18 11.13
N MET B 297 -23.58 -6.23 12.29
CA MET B 297 -23.90 -7.28 13.25
C MET B 297 -25.34 -7.13 13.76
N ARG B 298 -25.92 -8.23 14.26
CA ARG B 298 -27.30 -8.28 14.80
C ARG B 298 -27.50 -7.18 15.86
N PRO B 299 -28.68 -6.54 15.95
CA PRO B 299 -28.86 -5.45 16.93
C PRO B 299 -28.77 -5.92 18.39
ZN ZN C . 7.63 -11.70 -14.68
C1 7TD D . 4.30 -11.84 -17.43
C2 7TD D . 5.69 -11.88 -16.74
C3 7TD D . 3.33 -10.71 -16.93
O1 7TD D . 5.80 -12.14 -15.54
O2 7TD D . 0.63 -18.96 -17.69
O3 7TD D . 3.04 -13.30 -19.49
C11 7TD D . 2.53 -15.18 -18.13
C12 7TD D . 2.70 -15.89 -16.91
C13 7TD D . 2.10 -17.16 -16.73
C14 7TD D . 3.12 -13.81 -18.37
C15 7TD D . -0.96 -21.91 -16.65
C16 7TD D . -1.80 -23.10 -16.72
C4 7TD D . 2.70 -10.96 -15.53
C5 7TD D . 4.01 -9.33 -16.88
N1 7TD D . 2.18 -10.60 -17.83
C6 7TD D . -0.24 -20.92 -16.61
C7 7TD D . 0.64 -19.73 -16.49
C8 7TD D . 1.29 -17.74 -17.76
C9 7TD D . 1.09 -17.02 -18.97
C10 7TD D . 1.70 -15.74 -19.15
N2 7TD D . 3.69 -13.17 -17.33
N3 7TD D . 6.77 -11.57 -17.48
O4 7TD D . 7.97 -11.61 -16.70
N1 EPE E . 18.34 -20.80 -34.89
C2 EPE E . 18.42 -19.63 -35.76
C3 EPE E . 18.57 -20.04 -37.21
N4 EPE E . 19.78 -20.85 -37.39
C5 EPE E . 19.68 -22.05 -36.55
C6 EPE E . 19.51 -21.66 -35.08
C7 EPE E . 20.01 -21.18 -38.79
C8 EPE E . 20.91 -20.18 -39.50
O8 EPE E . 22.17 -20.09 -38.84
C9 EPE E . 18.21 -20.40 -33.47
C10 EPE E . 16.83 -19.84 -33.16
S EPE E . 16.52 -19.46 -31.50
O1S EPE E . 16.56 -20.75 -30.80
O2S EPE E . 15.20 -18.86 -31.45
O3S EPE E . 17.57 -18.58 -31.06
ZN ZN F . -7.82 9.84 17.02
C1 7TD G . -4.63 12.70 17.18
C2 7TD G . -6.01 12.01 17.24
C3 7TD G . -3.61 12.12 16.11
O1 7TD G . -6.17 10.86 17.62
O2 7TD G . -1.19 13.56 24.30
O3 7TD G . -3.29 14.85 18.35
C11 7TD G . -2.86 13.69 20.41
C12 7TD G . -2.97 12.49 21.16
C13 7TD G . -2.43 12.41 22.47
C14 7TD G . -3.42 13.81 19.02
C15 7TD G . 0.34 12.64 27.29
C16 7TD G . 1.09 12.78 28.53
C4 7TD G . -2.93 10.80 16.53
C5 7TD G . -4.23 11.95 14.71
N1 7TD G . -2.51 13.07 15.90
C6 7TD G . -0.32 12.54 26.27
C7 7TD G . -1.14 12.34 25.06
C8 7TD G . -1.72 13.52 23.03
C9 7TD G . -1.62 14.73 22.28
C10 7TD G . -2.15 14.79 20.96
N2 7TD G . -4.06 12.72 18.53
N3 7TD G . -7.04 12.71 16.77
O4 7TD G . -8.23 11.95 16.78
N1 EPE H . -19.06 30.22 24.73
C2 EPE H . -18.86 31.21 23.65
C3 EPE H . -19.11 32.61 24.17
N4 EPE H . -20.48 32.72 24.68
C5 EPE H . -20.68 31.77 25.77
C6 EPE H . -20.41 30.35 25.28
C7 EPE H . -20.79 34.10 25.11
C8 EPE H . -21.24 35.01 23.98
O8 EPE H . -22.28 34.42 23.20
C9 EPE H . -18.83 28.84 24.25
C10 EPE H . -17.37 28.55 23.93
S EPE H . -17.07 26.87 23.81
O1S EPE H . -18.06 26.32 22.88
O2S EPE H . -17.22 26.33 25.15
O3S EPE H . -15.72 26.72 23.30
#